data_5WIQ
# 
_entry.id   5WIQ 
# 
_audit_conform.dict_name       mmcif_pdbx.dic 
_audit_conform.dict_version    5.379 
_audit_conform.dict_location   http://mmcif.pdb.org/dictionaries/ascii/mmcif_pdbx.dic 
# 
loop_
_database_2.database_id 
_database_2.database_code 
_database_2.pdbx_database_accession 
_database_2.pdbx_DOI 
PDB   5WIQ         pdb_00005wiq 10.2210/pdb5wiq/pdb 
WWPDB D_1000229099 ?            ?                   
# 
_pdbx_database_status.status_code                     REL 
_pdbx_database_status.status_code_sf                  REL 
_pdbx_database_status.status_code_mr                  ? 
_pdbx_database_status.entry_id                        5WIQ 
_pdbx_database_status.recvd_initial_deposition_date   2017-07-19 
_pdbx_database_status.SG_entry                        N 
_pdbx_database_status.deposit_site                    RCSB 
_pdbx_database_status.process_site                    RCSB 
_pdbx_database_status.status_code_cs                  ? 
_pdbx_database_status.methods_development_category    ? 
_pdbx_database_status.pdb_format_compatible           Y 
_pdbx_database_status.status_code_nmr_data            ? 
# 
loop_
_audit_author.name 
_audit_author.pdbx_ordinal 
_audit_author.identifier_ORCID 
'Guenther, E.L.'  1 ? 
'Sawaya, M.R.'    2 ? 
'Eisenberg, D.S.' 3 ? 
# 
_citation.abstract                  ? 
_citation.abstract_id_CAS           ? 
_citation.book_id_ISBN              ? 
_citation.book_publisher            ? 
_citation.book_publisher_city       ? 
_citation.book_title                ? 
_citation.coordinate_linkage        ? 
_citation.country                   US 
_citation.database_id_Medline       ? 
_citation.details                   ? 
_citation.id                        primary 
_citation.journal_abbrev            'Nat. Struct. Mol. Biol.' 
_citation.journal_id_ASTM           ? 
_citation.journal_id_CSD            ? 
_citation.journal_id_ISSN           1545-9985 
_citation.journal_full              ? 
_citation.journal_issue             ? 
_citation.journal_volume            25 
_citation.language                  ? 
_citation.page_first                463 
_citation.page_last                 471 
_citation.title                     
'Atomic structures of TDP-43 LCD segments and insights into reversible or pathogenic aggregation.' 
_citation.year                      2018 
_citation.database_id_CSD           ? 
_citation.pdbx_database_id_DOI      10.1038/s41594-018-0064-2 
_citation.pdbx_database_id_PubMed   29786080 
_citation.unpublished_flag          ? 
# 
loop_
_citation_author.citation_id 
_citation_author.name 
_citation_author.ordinal 
_citation_author.identifier_ORCID 
primary 'Guenther, E.L.'  1  ? 
primary 'Cao, Q.'         2  ? 
primary 'Trinh, H.'       3  ? 
primary 'Lu, J.'          4  ? 
primary 'Sawaya, M.R.'    5  ? 
primary 'Cascio, D.'      6  ? 
primary 'Boyer, D.R.'     7  ? 
primary 'Rodriguez, J.A.' 8  ? 
primary 'Hughes, M.P.'    9  ? 
primary 'Eisenberg, D.S.' 10 ? 
# 
_cell.angle_alpha                  90.630 
_cell.angle_alpha_esd              ? 
_cell.angle_beta                   96.370 
_cell.angle_beta_esd               ? 
_cell.angle_gamma                  91.260 
_cell.angle_gamma_esd              ? 
_cell.entry_id                     5WIQ 
_cell.details                      ? 
_cell.formula_units_Z              ? 
_cell.length_a                     4.810 
_cell.length_a_esd                 ? 
_cell.length_b                     16.439 
_cell.length_b_esd                 ? 
_cell.length_c                     22.672 
_cell.length_c_esd                 ? 
_cell.volume                       ? 
_cell.volume_esd                   ? 
_cell.Z_PDB                        2 
_cell.reciprocal_angle_alpha       ? 
_cell.reciprocal_angle_beta        ? 
_cell.reciprocal_angle_gamma       ? 
_cell.reciprocal_angle_alpha_esd   ? 
_cell.reciprocal_angle_beta_esd    ? 
_cell.reciprocal_angle_gamma_esd   ? 
_cell.reciprocal_length_a          ? 
_cell.reciprocal_length_b          ? 
_cell.reciprocal_length_c          ? 
_cell.reciprocal_length_a_esd      ? 
_cell.reciprocal_length_b_esd      ? 
_cell.reciprocal_length_c_esd      ? 
_cell.pdbx_unique_axis             ? 
# 
_symmetry.entry_id                         5WIQ 
_symmetry.cell_setting                     ? 
_symmetry.Int_Tables_number                1 
_symmetry.space_group_name_Hall            ? 
_symmetry.space_group_name_H-M             'P 1' 
_symmetry.pdbx_full_space_group_name_H-M   ? 
# 
loop_
_entity.id 
_entity.type 
_entity.src_method 
_entity.pdbx_description 
_entity.formula_weight 
_entity.pdbx_number_of_molecules 
_entity.pdbx_ec 
_entity.pdbx_mutation 
_entity.pdbx_fragment 
_entity.details 
1 polymer syn 'TAR DNA-binding protein 43' 654.673 2 ? ? 'UNP residues 396-402' ? 
2 water   nat water                        18.015  8 ? ? ?                      ? 
# 
_entity_name_com.entity_id   1 
_entity_name_com.name        TDP-43 
# 
_entity_poly.entity_id                      1 
_entity_poly.type                           'polypeptide(L)' 
_entity_poly.nstd_linkage                   no 
_entity_poly.nstd_monomer                   no 
_entity_poly.pdbx_seq_one_letter_code       GFNGGFG 
_entity_poly.pdbx_seq_one_letter_code_can   GFNGGFG 
_entity_poly.pdbx_strand_id                 A,B 
_entity_poly.pdbx_target_identifier         ? 
# 
loop_
_entity_poly_seq.entity_id 
_entity_poly_seq.num 
_entity_poly_seq.mon_id 
_entity_poly_seq.hetero 
1 1 GLY n 
1 2 PHE n 
1 3 ASN n 
1 4 GLY n 
1 5 GLY n 
1 6 PHE n 
1 7 GLY n 
# 
_pdbx_entity_src_syn.entity_id              1 
_pdbx_entity_src_syn.pdbx_src_id            1 
_pdbx_entity_src_syn.pdbx_alt_source_flag   sample 
_pdbx_entity_src_syn.pdbx_beg_seq_num       1 
_pdbx_entity_src_syn.pdbx_end_seq_num       7 
_pdbx_entity_src_syn.organism_scientific    'Homo sapiens' 
_pdbx_entity_src_syn.organism_common_name   Human 
_pdbx_entity_src_syn.ncbi_taxonomy_id       9606 
_pdbx_entity_src_syn.details                'Synthetic peptide GFNGGFG corresponding tosegment 396-402 of TDP-43' 
# 
_struct_ref.id                         1 
_struct_ref.db_name                    UNP 
_struct_ref.db_code                    TADBP_HUMAN 
_struct_ref.pdbx_db_accession          Q13148 
_struct_ref.pdbx_db_isoform            ? 
_struct_ref.entity_id                  1 
_struct_ref.pdbx_seq_one_letter_code   GFNGGFG 
_struct_ref.pdbx_align_begin           396 
# 
loop_
_struct_ref_seq.align_id 
_struct_ref_seq.ref_id 
_struct_ref_seq.pdbx_PDB_id_code 
_struct_ref_seq.pdbx_strand_id 
_struct_ref_seq.seq_align_beg 
_struct_ref_seq.pdbx_seq_align_beg_ins_code 
_struct_ref_seq.seq_align_end 
_struct_ref_seq.pdbx_seq_align_end_ins_code 
_struct_ref_seq.pdbx_db_accession 
_struct_ref_seq.db_align_beg 
_struct_ref_seq.pdbx_db_align_beg_ins_code 
_struct_ref_seq.db_align_end 
_struct_ref_seq.pdbx_db_align_end_ins_code 
_struct_ref_seq.pdbx_auth_seq_align_beg 
_struct_ref_seq.pdbx_auth_seq_align_end 
1 1 5WIQ A 1 ? 7 ? Q13148 396 ? 402 ? 396 402 
2 1 5WIQ B 1 ? 7 ? Q13148 396 ? 402 ? 396 402 
# 
loop_
_chem_comp.id 
_chem_comp.type 
_chem_comp.mon_nstd_flag 
_chem_comp.name 
_chem_comp.pdbx_synonyms 
_chem_comp.formula 
_chem_comp.formula_weight 
ASN 'L-peptide linking' y ASPARAGINE    ? 'C4 H8 N2 O3' 132.118 
GLY 'peptide linking'   y GLYCINE       ? 'C2 H5 N O2'  75.067  
HOH non-polymer         . WATER         ? 'H2 O'        18.015  
PHE 'L-peptide linking' y PHENYLALANINE ? 'C9 H11 N O2' 165.189 
# 
_exptl.absorpt_coefficient_mu     ? 
_exptl.absorpt_correction_T_max   ? 
_exptl.absorpt_correction_T_min   ? 
_exptl.absorpt_correction_type    ? 
_exptl.absorpt_process_details    ? 
_exptl.entry_id                   5WIQ 
_exptl.crystals_number            1 
_exptl.details                    ? 
_exptl.method                     'X-RAY DIFFRACTION' 
_exptl.method_details             ? 
# 
_exptl_crystal.colour                      ? 
_exptl_crystal.density_diffrn              ? 
_exptl_crystal.density_Matthews            1.36 
_exptl_crystal.density_method              ? 
_exptl_crystal.density_percent_sol         9.58 
_exptl_crystal.description                 ? 
_exptl_crystal.F_000                       ? 
_exptl_crystal.id                          1 
_exptl_crystal.preparation                 ? 
_exptl_crystal.size_max                    ? 
_exptl_crystal.size_mid                    ? 
_exptl_crystal.size_min                    ? 
_exptl_crystal.size_rad                    ? 
_exptl_crystal.colour_lustre               ? 
_exptl_crystal.colour_modifier             ? 
_exptl_crystal.colour_primary              ? 
_exptl_crystal.density_meas                ? 
_exptl_crystal.density_meas_esd            ? 
_exptl_crystal.density_meas_gt             ? 
_exptl_crystal.density_meas_lt             ? 
_exptl_crystal.density_meas_temp           ? 
_exptl_crystal.density_meas_temp_esd       ? 
_exptl_crystal.density_meas_temp_gt        ? 
_exptl_crystal.density_meas_temp_lt        ? 
_exptl_crystal.pdbx_crystal_image_url      ? 
_exptl_crystal.pdbx_crystal_image_format   ? 
_exptl_crystal.pdbx_mosaicity              ? 
_exptl_crystal.pdbx_mosaicity_esd          ? 
# 
_exptl_crystal_grow.apparatus       ? 
_exptl_crystal_grow.atmosphere      ? 
_exptl_crystal_grow.crystal_id      1 
_exptl_crystal_grow.details         ? 
_exptl_crystal_grow.method          'VAPOR DIFFUSION, HANGING DROP' 
_exptl_crystal_grow.method_ref      ? 
_exptl_crystal_grow.pH              4.5 
_exptl_crystal_grow.pressure        ? 
_exptl_crystal_grow.pressure_esd    ? 
_exptl_crystal_grow.seeding         ? 
_exptl_crystal_grow.seeding_ref     ? 
_exptl_crystal_grow.temp            298 
_exptl_crystal_grow.temp_details    ? 
_exptl_crystal_grow.temp_esd        ? 
_exptl_crystal_grow.time            ? 
_exptl_crystal_grow.pdbx_details    
'100mM sodium acetate pH 4.5, 800mM sodium phosphate monobasic, 1200mM potassium phosphate dibasic' 
_exptl_crystal_grow.pdbx_pH_range   ? 
# 
_diffrn.ambient_environment    ? 
_diffrn.ambient_temp           100 
_diffrn.ambient_temp_details   ? 
_diffrn.ambient_temp_esd       ? 
_diffrn.crystal_id             1 
_diffrn.crystal_support        ? 
_diffrn.crystal_treatment      ? 
_diffrn.details                ? 
_diffrn.id                     1 
_diffrn.ambient_pressure       ? 
_diffrn.ambient_pressure_esd   ? 
_diffrn.ambient_pressure_gt    ? 
_diffrn.ambient_pressure_lt    ? 
_diffrn.ambient_temp_gt        ? 
_diffrn.ambient_temp_lt        ? 
# 
_diffrn_detector.details                      ? 
_diffrn_detector.detector                     CCD 
_diffrn_detector.diffrn_id                    1 
_diffrn_detector.type                         'ADSC QUANTUM 315' 
_diffrn_detector.area_resol_mean              ? 
_diffrn_detector.dtime                        ? 
_diffrn_detector.pdbx_frames_total            ? 
_diffrn_detector.pdbx_collection_time_total   ? 
_diffrn_detector.pdbx_collection_date         2014-06-14 
# 
_diffrn_radiation.collimation                      ? 
_diffrn_radiation.diffrn_id                        1 
_diffrn_radiation.filter_edge                      ? 
_diffrn_radiation.inhomogeneity                    ? 
_diffrn_radiation.monochromator                    ? 
_diffrn_radiation.polarisn_norm                    ? 
_diffrn_radiation.polarisn_ratio                   ? 
_diffrn_radiation.probe                            ? 
_diffrn_radiation.type                             ? 
_diffrn_radiation.xray_symbol                      ? 
_diffrn_radiation.wavelength_id                    1 
_diffrn_radiation.pdbx_monochromatic_or_laue_m_l   M 
_diffrn_radiation.pdbx_wavelength_list             ? 
_diffrn_radiation.pdbx_wavelength                  ? 
_diffrn_radiation.pdbx_diffrn_protocol             'SINGLE WAVELENGTH' 
_diffrn_radiation.pdbx_analyzer                    ? 
_diffrn_radiation.pdbx_scattering_type             x-ray 
# 
_diffrn_radiation_wavelength.id           1 
_diffrn_radiation_wavelength.wavelength   0.9791 
_diffrn_radiation_wavelength.wt           1.0 
# 
_diffrn_source.current                     ? 
_diffrn_source.details                     ? 
_diffrn_source.diffrn_id                   1 
_diffrn_source.power                       ? 
_diffrn_source.size                        ? 
_diffrn_source.source                      SYNCHROTRON 
_diffrn_source.target                      ? 
_diffrn_source.type                        'APS BEAMLINE 24-ID-E' 
_diffrn_source.voltage                     ? 
_diffrn_source.take-off_angle              ? 
_diffrn_source.pdbx_wavelength_list        0.9791 
_diffrn_source.pdbx_wavelength             ? 
_diffrn_source.pdbx_synchrotron_beamline   24-ID-E 
_diffrn_source.pdbx_synchrotron_site       APS 
# 
_reflns.B_iso_Wilson_estimate            2.510 
_reflns.entry_id                         5WIQ 
_reflns.data_reduction_details           ? 
_reflns.data_reduction_method            ? 
_reflns.d_resolution_high                1.250 
_reflns.d_resolution_low                 100.000 
_reflns.details                          ? 
_reflns.limit_h_max                      ? 
_reflns.limit_h_min                      ? 
_reflns.limit_k_max                      ? 
_reflns.limit_k_min                      ? 
_reflns.limit_l_max                      ? 
_reflns.limit_l_min                      ? 
_reflns.number_all                       ? 
_reflns.number_obs                       1802 
_reflns.observed_criterion               ? 
_reflns.observed_criterion_F_max         ? 
_reflns.observed_criterion_F_min         ? 
_reflns.observed_criterion_I_max         ? 
_reflns.observed_criterion_I_min         ? 
_reflns.observed_criterion_sigma_F       ? 
_reflns.observed_criterion_sigma_I       ? 
_reflns.percent_possible_obs             94.400 
_reflns.R_free_details                   ? 
_reflns.Rmerge_F_all                     ? 
_reflns.Rmerge_F_obs                     ? 
_reflns.Friedel_coverage                 ? 
_reflns.number_gt                        ? 
_reflns.threshold_expression             ? 
_reflns.pdbx_redundancy                  4.100 
_reflns.pdbx_Rmerge_I_obs                0.161 
_reflns.pdbx_Rmerge_I_all                ? 
_reflns.pdbx_Rsym_value                  ? 
_reflns.pdbx_netI_over_av_sigmaI         ? 
_reflns.pdbx_netI_over_sigmaI            5.000 
_reflns.pdbx_res_netI_over_av_sigmaI_2   ? 
_reflns.pdbx_res_netI_over_sigmaI_2      ? 
_reflns.pdbx_chi_squared                 1.086 
_reflns.pdbx_scaling_rejects             ? 
_reflns.pdbx_d_res_high_opt              ? 
_reflns.pdbx_d_res_low_opt               ? 
_reflns.pdbx_d_res_opt_method            ? 
_reflns.phase_calculation_details        ? 
_reflns.pdbx_Rrim_I_all                  ? 
_reflns.pdbx_Rpim_I_all                  ? 
_reflns.pdbx_d_opt                       ? 
_reflns.pdbx_number_measured_all         7394 
_reflns.pdbx_diffrn_id                   1 
_reflns.pdbx_ordinal                     1 
_reflns.pdbx_CC_half                     ? 
_reflns.pdbx_R_split                     ? 
# 
loop_
_reflns_shell.d_res_high 
_reflns_shell.d_res_low 
_reflns_shell.meanI_over_sigI_all 
_reflns_shell.meanI_over_sigI_obs 
_reflns_shell.number_measured_all 
_reflns_shell.number_measured_obs 
_reflns_shell.number_possible 
_reflns_shell.number_unique_all 
_reflns_shell.number_unique_obs 
_reflns_shell.percent_possible_all 
_reflns_shell.percent_possible_obs 
_reflns_shell.Rmerge_F_all 
_reflns_shell.Rmerge_F_obs 
_reflns_shell.Rmerge_I_all 
_reflns_shell.Rmerge_I_obs 
_reflns_shell.meanI_over_sigI_gt 
_reflns_shell.meanI_over_uI_all 
_reflns_shell.meanI_over_uI_gt 
_reflns_shell.number_measured_gt 
_reflns_shell.number_unique_gt 
_reflns_shell.percent_possible_gt 
_reflns_shell.Rmerge_F_gt 
_reflns_shell.Rmerge_I_gt 
_reflns_shell.pdbx_redundancy 
_reflns_shell.pdbx_Rsym_value 
_reflns_shell.pdbx_chi_squared 
_reflns_shell.pdbx_netI_over_sigmaI_all 
_reflns_shell.pdbx_netI_over_sigmaI_obs 
_reflns_shell.pdbx_Rrim_I_all 
_reflns_shell.pdbx_Rpim_I_all 
_reflns_shell.pdbx_rejects 
_reflns_shell.pdbx_ordinal 
_reflns_shell.pdbx_diffrn_id 
_reflns_shell.pdbx_CC_half 
_reflns_shell.pdbx_R_split 
1.250 1.290   ? ? ? ? ? ? 166 95.400  ? ? ? ? 0.406 ? ? ? ? ? ? ? ? 1.800 ? 1.389 ? ? ? ? ? 1  1 ? ? 
1.290 1.350   ? ? ? ? ? ? ?   95.300  ? ? ? ? 0.502 ? ? ? ? ? ? ? ? 2.300 ? 1.082 ? ? ? ? ? 2  1 ? ? 
1.350 1.410   ? ? ? ? ? ? ?   94.000  ? ? ? ? 0.437 ? ? ? ? ? ? ? ? 2.500 ? 1.077 ? ? ? ? ? 3  1 ? ? 
1.410 1.480   ? ? ? ? ? ? ?   89.800  ? ? ? ? 0.421 ? ? ? ? ? ? ? ? 2.400 ? 0.927 ? ? ? ? ? 4  1 ? ? 
1.480 1.570   ? ? ? ? ? ? ?   86.000  ? ? ? ? 0.324 ? ? ? ? ? ? ? ? 4.400 ? 1.099 ? ? ? ? ? 5  1 ? ? 
1.570 1.700   ? ? ? ? ? ? ?   93.900  ? ? ? ? 0.360 ? ? ? ? ? ? ? ? 5.400 ? 0.976 ? ? ? ? ? 6  1 ? ? 
1.700 1.870   ? ? ? ? ? ? ?   100.000 ? ? ? ? 0.218 ? ? ? ? ? ? ? ? 5.400 ? 0.800 ? ? ? ? ? 7  1 ? ? 
1.870 2.140   ? ? ? ? ? ? ?   100.000 ? ? ? ? 0.146 ? ? ? ? ? ? ? ? 5.500 ? 1.227 ? ? ? ? ? 8  1 ? ? 
2.140 2.690   ? ? ? ? ? ? ?   92.400  ? ? ? ? 0.117 ? ? ? ? ? ? ? ? 5.500 ? 1.093 ? ? ? ? ? 9  1 ? ? 
2.690 100.000 ? ? ? ? ? ? ?   99.500  ? ? ? ? 0.069 ? ? ? ? ? ? ? ? 5.500 ? 1.281 ? ? ? ? ? 10 1 ? ? 
# 
_refine.aniso_B[1][1]                            ? 
_refine.aniso_B[1][2]                            ? 
_refine.aniso_B[1][3]                            ? 
_refine.aniso_B[2][2]                            ? 
_refine.aniso_B[2][3]                            ? 
_refine.aniso_B[3][3]                            ? 
_refine.B_iso_max                                11.350 
_refine.B_iso_mean                               3.5085 
_refine.B_iso_min                                1.330 
_refine.correlation_coeff_Fo_to_Fc               ? 
_refine.correlation_coeff_Fo_to_Fc_free          ? 
_refine.details                                  ? 
_refine.diff_density_max                         ? 
_refine.diff_density_max_esd                     ? 
_refine.diff_density_min                         ? 
_refine.diff_density_min_esd                     ? 
_refine.diff_density_rms                         ? 
_refine.diff_density_rms_esd                     ? 
_refine.entry_id                                 5WIQ 
_refine.pdbx_refine_id                           'X-RAY DIFFRACTION' 
_refine.ls_abs_structure_details                 ? 
_refine.ls_abs_structure_Flack                   ? 
_refine.ls_abs_structure_Flack_esd               ? 
_refine.ls_abs_structure_Rogers                  ? 
_refine.ls_abs_structure_Rogers_esd              ? 
_refine.ls_d_res_high                            1.2500 
_refine.ls_d_res_low                             22.5300 
_refine.ls_extinction_coef                       ? 
_refine.ls_extinction_coef_esd                   ? 
_refine.ls_extinction_expression                 ? 
_refine.ls_extinction_method                     ? 
_refine.ls_goodness_of_fit_all                   ? 
_refine.ls_goodness_of_fit_all_esd               ? 
_refine.ls_goodness_of_fit_obs                   ? 
_refine.ls_goodness_of_fit_obs_esd               ? 
_refine.ls_hydrogen_treatment                    ? 
_refine.ls_matrix_type                           ? 
_refine.ls_number_constraints                    ? 
_refine.ls_number_parameters                     ? 
_refine.ls_number_reflns_all                     ? 
_refine.ls_number_reflns_obs                     1796 
_refine.ls_number_reflns_R_free                  180 
_refine.ls_number_reflns_R_work                  ? 
_refine.ls_number_restraints                     ? 
_refine.ls_percent_reflns_obs                    92.8600 
_refine.ls_percent_reflns_R_free                 10.0200 
_refine.ls_R_factor_all                          ? 
_refine.ls_R_factor_obs                          0.1533 
_refine.ls_R_factor_R_free                       0.1678 
_refine.ls_R_factor_R_free_error                 ? 
_refine.ls_R_factor_R_free_error_details         ? 
_refine.ls_R_factor_R_work                       0.1516 
_refine.ls_R_Fsqd_factor_obs                     ? 
_refine.ls_R_I_factor_obs                        ? 
_refine.ls_redundancy_reflns_all                 ? 
_refine.ls_redundancy_reflns_obs                 ? 
_refine.ls_restrained_S_all                      ? 
_refine.ls_restrained_S_obs                      ? 
_refine.ls_shift_over_esd_max                    ? 
_refine.ls_shift_over_esd_mean                   ? 
_refine.ls_structure_factor_coef                 ? 
_refine.ls_weighting_details                     ? 
_refine.ls_weighting_scheme                      ? 
_refine.ls_wR_factor_all                         ? 
_refine.ls_wR_factor_obs                         ? 
_refine.ls_wR_factor_R_free                      ? 
_refine.ls_wR_factor_R_work                      ? 
_refine.occupancy_max                            ? 
_refine.occupancy_min                            ? 
_refine.solvent_model_details                    ? 
_refine.solvent_model_param_bsol                 ? 
_refine.solvent_model_param_ksol                 ? 
_refine.ls_R_factor_gt                           ? 
_refine.ls_goodness_of_fit_gt                    ? 
_refine.ls_goodness_of_fit_ref                   ? 
_refine.ls_shift_over_su_max                     ? 
_refine.ls_shift_over_su_max_lt                  ? 
_refine.ls_shift_over_su_mean                    ? 
_refine.ls_shift_over_su_mean_lt                 ? 
_refine.pdbx_ls_sigma_I                          ? 
_refine.pdbx_ls_sigma_F                          2.050 
_refine.pdbx_ls_sigma_Fsqd                       ? 
_refine.pdbx_data_cutoff_high_absF               ? 
_refine.pdbx_data_cutoff_high_rms_absF           ? 
_refine.pdbx_data_cutoff_low_absF                ? 
_refine.pdbx_isotropic_thermal_model             ? 
_refine.pdbx_ls_cross_valid_method               'FREE R-VALUE' 
_refine.pdbx_method_to_determine_struct          'MOLECULAR REPLACEMENT' 
_refine.pdbx_starting_model                      5WDB 
_refine.pdbx_stereochemistry_target_values       ? 
_refine.pdbx_R_Free_selection_details            ? 
_refine.pdbx_stereochem_target_val_spec_case     ? 
_refine.pdbx_overall_ESU_R                       ? 
_refine.pdbx_overall_ESU_R_Free                  ? 
_refine.pdbx_solvent_vdw_probe_radii             1.1100 
_refine.pdbx_solvent_ion_probe_radii             ? 
_refine.pdbx_solvent_shrinkage_radii             0.9000 
_refine.pdbx_real_space_R                        ? 
_refine.pdbx_density_correlation                 ? 
_refine.pdbx_pd_number_of_powder_patterns        ? 
_refine.pdbx_pd_number_of_points                 ? 
_refine.pdbx_pd_meas_number_of_points            ? 
_refine.pdbx_pd_proc_ls_prof_R_factor            ? 
_refine.pdbx_pd_proc_ls_prof_wR_factor           ? 
_refine.pdbx_pd_Marquardt_correlation_coeff      ? 
_refine.pdbx_pd_Fsqrd_R_factor                   ? 
_refine.pdbx_pd_ls_matrix_band_width             ? 
_refine.pdbx_overall_phase_error                 14.9800 
_refine.pdbx_overall_SU_R_free_Cruickshank_DPI   ? 
_refine.pdbx_overall_SU_R_free_Blow_DPI          ? 
_refine.pdbx_overall_SU_R_Blow_DPI               ? 
_refine.pdbx_TLS_residual_ADP_flag               ? 
_refine.pdbx_diffrn_id                           1 
_refine.overall_SU_B                             ? 
_refine.overall_SU_ML                            -0.0000 
_refine.overall_SU_R_Cruickshank_DPI             ? 
_refine.overall_SU_R_free                        ? 
_refine.overall_FOM_free_R_set                   ? 
_refine.overall_FOM_work_R_set                   ? 
_refine.pdbx_average_fsc_overall                 ? 
_refine.pdbx_average_fsc_work                    ? 
_refine.pdbx_average_fsc_free                    ? 
# 
_refine_hist.cycle_id                         final 
_refine_hist.pdbx_refine_id                   'X-RAY DIFFRACTION' 
_refine_hist.d_res_high                       1.2500 
_refine_hist.d_res_low                        22.5300 
_refine_hist.pdbx_number_atoms_ligand         0 
_refine_hist.number_atoms_solvent             8 
_refine_hist.number_atoms_total               102 
_refine_hist.pdbx_number_residues_total       14 
_refine_hist.pdbx_B_iso_mean_solvent          7.65 
_refine_hist.pdbx_number_atoms_protein        94 
_refine_hist.pdbx_number_atoms_nucleic_acid   0 
# 
loop_
_refine_ls_restr.pdbx_refine_id 
_refine_ls_restr.criterion 
_refine_ls_restr.dev_ideal 
_refine_ls_restr.dev_ideal_target 
_refine_ls_restr.number 
_refine_ls_restr.rejects 
_refine_ls_restr.type 
_refine_ls_restr.weight 
_refine_ls_restr.pdbx_restraint_function 
'X-RAY DIFFRACTION' ? 0.005 ? 96  ? f_bond_d           ? ? 
'X-RAY DIFFRACTION' ? 0.692 ? 124 ? f_angle_d          ? ? 
'X-RAY DIFFRACTION' ? 0.128 ? 6   ? f_chiral_restr     ? ? 
'X-RAY DIFFRACTION' ? 0.002 ? 20  ? f_plane_restr      ? ? 
'X-RAY DIFFRACTION' ? 7.493 ? 26  ? f_dihedral_angle_d ? ? 
# 
_refine_ls_shell.pdbx_refine_id                   'X-RAY DIFFRACTION' 
_refine_ls_shell.d_res_high                       1.2424 
_refine_ls_shell.d_res_low                        22.5336 
_refine_ls_shell.number_reflns_all                1796 
_refine_ls_shell.number_reflns_obs                ? 
_refine_ls_shell.number_reflns_R_free             180 
_refine_ls_shell.number_reflns_R_work             1616 
_refine_ls_shell.percent_reflns_obs               93.0000 
_refine_ls_shell.percent_reflns_R_free            ? 
_refine_ls_shell.R_factor_all                     ? 
_refine_ls_shell.R_factor_obs                     ? 
_refine_ls_shell.R_factor_R_free                  0.1678 
_refine_ls_shell.R_factor_R_free_error            0.0000 
_refine_ls_shell.R_factor_R_work                  0.1516 
_refine_ls_shell.redundancy_reflns_all            ? 
_refine_ls_shell.redundancy_reflns_obs            ? 
_refine_ls_shell.wR_factor_all                    ? 
_refine_ls_shell.wR_factor_obs                    ? 
_refine_ls_shell.wR_factor_R_free                 ? 
_refine_ls_shell.wR_factor_R_work                 ? 
_refine_ls_shell.pdbx_total_number_of_bins_used   1 
_refine_ls_shell.pdbx_phase_error                 ? 
_refine_ls_shell.pdbx_fsc_work                    ? 
_refine_ls_shell.pdbx_fsc_free                    ? 
# 
_struct.entry_id                     5WIQ 
_struct.title                        
'Crystal structure of the segment, GFNGGFG, from the low complexity domain of TDP-43, residues 396-402' 
_struct.pdbx_model_details           ? 
_struct.pdbx_formula_weight          ? 
_struct.pdbx_formula_weight_method   ? 
_struct.pdbx_model_type_details      ? 
_struct.pdbx_CASP_flag               N 
# 
_struct_keywords.entry_id        5WIQ 
_struct_keywords.text            'Amyloid, LARKS, TDP-43, PROTEIN FIBRIL' 
_struct_keywords.pdbx_keywords   'PROTEIN FIBRIL' 
# 
loop_
_struct_asym.id 
_struct_asym.pdbx_blank_PDB_chainid_flag 
_struct_asym.pdbx_modified 
_struct_asym.entity_id 
_struct_asym.details 
A N N 1 ? 
B N N 1 ? 
C N N 2 ? 
D N N 2 ? 
# 
_atom_sites.entry_id                    5WIQ 
_atom_sites.fract_transf_matrix[1][1]   -0.03354414 
_atom_sites.fract_transf_matrix[1][2]   -0.17195554 
_atom_sites.fract_transf_matrix[1][3]   0.11441814 
_atom_sites.fract_transf_matrix[2][1]   -0.04691962 
_atom_sites.fract_transf_matrix[2][2]   -0.01604859 
_atom_sites.fract_transf_matrix[2][3]   -0.03526906 
_atom_sites.fract_transf_matrix[3][1]   0.02621214 
_atom_sites.fract_transf_matrix[3][2]   -0.02687768 
_atom_sites.fract_transf_matrix[3][3]   -0.02367765 
_atom_sites.fract_transf_vector[1]      -0.367700 
_atom_sites.fract_transf_vector[2]      -0.084024 
_atom_sites.fract_transf_vector[3]      -0.577795 
# 
loop_
_atom_type.symbol 
C 
N 
O 
# 
loop_
_atom_site.group_PDB 
_atom_site.id 
_atom_site.type_symbol 
_atom_site.label_atom_id 
_atom_site.label_alt_id 
_atom_site.label_comp_id 
_atom_site.label_asym_id 
_atom_site.label_entity_id 
_atom_site.label_seq_id 
_atom_site.pdbx_PDB_ins_code 
_atom_site.Cartn_x 
_atom_site.Cartn_y 
_atom_site.Cartn_z 
_atom_site.occupancy 
_atom_site.B_iso_or_equiv 
_atom_site.pdbx_formal_charge 
_atom_site.auth_seq_id 
_atom_site.auth_comp_id 
_atom_site.auth_asym_id 
_atom_site.auth_atom_id 
_atom_site.pdbx_PDB_model_num 
ATOM   1   N N   . GLY A 1 1 ? 5.573   -7.902 -6.166  1.00 3.97  ? 396 GLY A N   1 
ATOM   2   C CA  . GLY A 1 1 ? 4.608   -6.921 -6.632  1.00 3.76  ? 396 GLY A CA  1 
ATOM   3   C C   . GLY A 1 1 ? 3.539   -6.631 -5.592  1.00 2.89  ? 396 GLY A C   1 
ATOM   4   O O   . GLY A 1 1 ? 3.276   -7.456 -4.718  1.00 4.83  ? 396 GLY A O   1 
ATOM   5   N N   . PHE A 1 2 ? 2.931   -5.450 -5.682  1.00 3.89  ? 397 PHE A N   1 
ATOM   6   C CA  . PHE A 1 2 ? 1.878   -5.012 -4.775  1.00 4.40  ? 397 PHE A CA  1 
ATOM   7   C C   . PHE A 1 2 ? 0.669   -4.625 -5.610  1.00 4.74  ? 397 PHE A C   1 
ATOM   8   O O   . PHE A 1 2 ? 0.805   -3.887 -6.594  1.00 3.85  ? 397 PHE A O   1 
ATOM   9   C CB  . PHE A 1 2 ? 2.352   -3.790 -3.961  1.00 2.61  ? 397 PHE A CB  1 
ATOM   10  C CG  . PHE A 1 2 ? 1.306   -3.213 -3.022  1.00 1.91  ? 397 PHE A CG  1 
ATOM   11  C CD1 . PHE A 1 2 ? 1.363   -3.463 -1.657  1.00 2.26  ? 397 PHE A CD1 1 
ATOM   12  C CD2 . PHE A 1 2 ? 0.287   -2.399 -3.499  1.00 2.88  ? 397 PHE A CD2 1 
ATOM   13  C CE1 . PHE A 1 2 ? 0.413   -2.929 -0.795  1.00 3.51  ? 397 PHE A CE1 1 
ATOM   14  C CE2 . PHE A 1 2 ? -0.664  -1.865 -2.642  1.00 1.41  ? 397 PHE A CE2 1 
ATOM   15  C CZ  . PHE A 1 2 ? -0.600  -2.130 -1.289  1.00 2.09  ? 397 PHE A CZ  1 
ATOM   16  N N   . ASN A 1 3 ? -0.508  -5.103 -5.207  1.00 1.47  ? 398 ASN A N   1 
ATOM   17  C CA  . ASN A 1 3 ? -1.772  -4.693 -5.809  1.00 1.49  ? 398 ASN A CA  1 
ATOM   18  C C   . ASN A 1 3 ? -2.750  -4.402 -4.687  1.00 2.21  ? 398 ASN A C   1 
ATOM   19  O O   . ASN A 1 3 ? -2.947  -5.246 -3.806  1.00 1.48  ? 398 ASN A O   1 
ATOM   20  C CB  . ASN A 1 3 ? -2.363  -5.800 -6.696  1.00 1.65  ? 398 ASN A CB  1 
ATOM   21  C CG  . ASN A 1 3 ? -1.445  -6.176 -7.831  1.00 5.08  ? 398 ASN A CG  1 
ATOM   22  O OD1 . ASN A 1 3 ? -1.380  -5.484 -8.840  1.00 4.56  ? 398 ASN A OD1 1 
ATOM   23  N ND2 . ASN A 1 3 ? -0.719  -7.272 -7.666  1.00 3.09  ? 398 ASN A ND2 1 
ATOM   24  N N   . GLY A 1 4 ? -3.380  -3.232 -4.733  1.00 1.43  ? 399 GLY A N   1 
ATOM   25  C CA  . GLY A 1 4 ? -4.375  -2.889 -3.733  1.00 1.46  ? 399 GLY A CA  1 
ATOM   26  C C   . GLY A 1 4 ? -4.217  -1.474 -3.222  1.00 1.76  ? 399 GLY A C   1 
ATOM   27  O O   . GLY A 1 4 ? -3.808  -0.581 -3.975  1.00 2.34  ? 399 GLY A O   1 
ATOM   28  N N   . GLY A 1 5 ? -4.544  -1.239 -1.960  1.00 2.53  ? 400 GLY A N   1 
ATOM   29  C CA  . GLY A 1 5 ? -4.363  0.115  -1.477  1.00 2.93  ? 400 GLY A CA  1 
ATOM   30  C C   . GLY A 1 5 ? -5.117  0.366  -0.182  1.00 2.66  ? 400 GLY A C   1 
ATOM   31  O O   . GLY A 1 5 ? -5.347  -0.552 0.606   1.00 2.55  ? 400 GLY A O   1 
ATOM   32  N N   . PHE A 1 6 ? -5.483  1.633  0.002   1.00 1.85  ? 401 PHE A N   1 
ATOM   33  C CA  . PHE A 1 6 ? -5.846  2.175  1.309   1.00 1.76  ? 401 PHE A CA  1 
ATOM   34  C C   . PHE A 1 6 ? -7.088  3.037  1.145   1.00 3.53  ? 401 PHE A C   1 
ATOM   35  O O   . PHE A 1 6 ? -7.087  3.976  0.343   1.00 3.36  ? 401 PHE A O   1 
ATOM   36  C CB  . PHE A 1 6 ? -4.687  3.020  1.858   1.00 2.39  ? 401 PHE A CB  1 
ATOM   37  C CG  . PHE A 1 6 ? -3.358  2.294  1.881   1.00 1.48  ? 401 PHE A CG  1 
ATOM   38  C CD1 . PHE A 1 6 ? -2.603  2.132  0.724   1.00 1.35  ? 401 PHE A CD1 1 
ATOM   39  C CD2 . PHE A 1 6 ? -2.859  1.777  3.068   1.00 3.59  ? 401 PHE A CD2 1 
ATOM   40  C CE1 . PHE A 1 6 ? -1.389  1.444  0.749   1.00 2.37  ? 401 PHE A CE1 1 
ATOM   41  C CE2 . PHE A 1 6 ? -1.646  1.098  3.100   1.00 4.15  ? 401 PHE A CE2 1 
ATOM   42  C CZ  . PHE A 1 6 ? -0.910  0.931  1.944   1.00 3.96  ? 401 PHE A CZ  1 
ATOM   43  N N   . GLY A 1 7 ? -8.143  2.727  1.895   1.00 4.01  ? 402 GLY A N   1 
ATOM   44  C CA  . GLY A 1 7 ? -9.355  3.535  1.872   1.00 5.61  ? 402 GLY A CA  1 
ATOM   45  C C   . GLY A 1 7 ? -9.267  4.777  2.742   1.00 7.18  ? 402 GLY A C   1 
ATOM   46  O O   . GLY A 1 7 ? -8.404  4.867  3.622   1.00 7.43  ? 402 GLY A O   1 
ATOM   47  O OXT . GLY A 1 7 ? -10.056 5.727  2.598   1.00 7.33  ? 402 GLY A OXT 1 
ATOM   48  N N   . GLY B 1 1 ? -0.993  9.542  9.775   1.00 3.06  ? 396 GLY B N   1 
ATOM   49  C CA  . GLY B 1 1 ? -0.291  8.279  9.936   1.00 3.34  ? 396 GLY B CA  1 
ATOM   50  C C   . GLY B 1 1 ? 0.579   7.936  8.741   1.00 2.66  ? 396 GLY B C   1 
ATOM   51  O O   . GLY B 1 1 ? 0.914   8.799  7.937   1.00 3.46  ? 396 GLY B O   1 
ATOM   52  N N   . PHE B 1 2 ? 0.937   6.659  8.636   1.00 2.34  ? 397 PHE B N   1 
ATOM   53  C CA  . PHE B 1 2 ? 1.778   6.134  7.569   1.00 2.13  ? 397 PHE B CA  1 
ATOM   54  C C   . PHE B 1 2 ? 0.983   5.077  6.817   1.00 3.57  ? 397 PHE B C   1 
ATOM   55  O O   . PHE B 1 2 ? 0.492   4.120  7.429   1.00 3.19  ? 397 PHE B O   1 
ATOM   56  C CB  . PHE B 1 2 ? 3.047   5.491  8.158   1.00 3.10  ? 397 PHE B CB  1 
ATOM   57  C CG  . PHE B 1 2 ? 3.969   4.896  7.120   1.00 2.60  ? 397 PHE B CG  1 
ATOM   58  C CD1 . PHE B 1 2 ? 3.734   3.637  6.598   1.00 3.97  ? 397 PHE B CD1 1 
ATOM   59  C CD2 . PHE B 1 2 ? 5.058   5.614  6.652   1.00 2.62  ? 397 PHE B CD2 1 
ATOM   60  C CE1 . PHE B 1 2 ? 4.578   3.094  5.637   1.00 2.47  ? 397 PHE B CE1 1 
ATOM   61  C CE2 . PHE B 1 2 ? 5.906   5.075  5.698   1.00 4.13  ? 397 PHE B CE2 1 
ATOM   62  C CZ  . PHE B 1 2 ? 5.662   3.821  5.184   1.00 3.90  ? 397 PHE B CZ  1 
ATOM   63  N N   . ASN B 1 3 ? 0.855   5.252  5.499   1.00 1.78  ? 398 ASN B N   1 
ATOM   64  C CA  . ASN B 1 3 ? 0.323   4.233  4.594   1.00 1.61  ? 398 ASN B CA  1 
ATOM   65  C C   . ASN B 1 3 ? 1.412   3.906  3.583   1.00 2.39  ? 398 ASN B C   1 
ATOM   66  O O   . ASN B 1 3 ? 1.864   4.791  2.851   1.00 2.32  ? 398 ASN B O   1 
ATOM   67  C CB  . ASN B 1 3 ? -0.906  4.747  3.842   1.00 2.04  ? 398 ASN B CB  1 
ATOM   68  C CG  . ASN B 1 3 ? -2.095  4.961  4.741   1.00 5.17  ? 398 ASN B CG  1 
ATOM   69  O OD1 . ASN B 1 3 ? -2.314  4.218  5.700   1.00 4.54  ? 398 ASN B OD1 1 
ATOM   70  N ND2 . ASN B 1 3 ? -2.879  5.994  4.437   1.00 4.75  ? 398 ASN B ND2 1 
ATOM   71  N N   . GLY B 1 4 ? 1.838   2.652  3.541   1.00 2.00  ? 399 GLY B N   1 
ATOM   72  C CA  . GLY B 1 4 ? 2.870   2.272  2.605   1.00 1.58  ? 399 GLY B CA  1 
ATOM   73  C C   . GLY B 1 4 ? 2.614   0.926  1.971   1.00 1.50  ? 399 GLY B C   1 
ATOM   74  O O   . GLY B 1 4 ? 2.299   -0.040 2.677   1.00 2.80  ? 399 GLY B O   1 
ATOM   75  N N   . GLY B 1 5 ? 2.734   0.856  0.647   1.00 1.33  ? 400 GLY B N   1 
ATOM   76  C CA  . GLY B 1 5 ? 2.622   -0.401 -0.064  1.00 1.64  ? 400 GLY B CA  1 
ATOM   77  C C   . GLY B 1 5 ? 3.881   -0.671 -0.854  1.00 1.82  ? 400 GLY B C   1 
ATOM   78  O O   . GLY B 1 5 ? 4.362   0.211  -1.572  1.00 3.26  ? 400 GLY B O   1 
ATOM   79  N N   . PHE B 1 6 ? 4.434   -1.876 -0.723  1.00 1.52  ? 401 PHE B N   1 
ATOM   80  C CA  . PHE B 1 6 ? 5.754   -2.192 -1.254  1.00 3.07  ? 401 PHE B CA  1 
ATOM   81  C C   . PHE B 1 6 ? 5.671   -3.486 -2.053  1.00 2.70  ? 401 PHE B C   1 
ATOM   82  O O   . PHE B 1 6 ? 5.216   -4.511 -1.531  1.00 3.12  ? 401 PHE B O   1 
ATOM   83  C CB  . PHE B 1 6 ? 6.759   -2.349 -0.104  1.00 3.10  ? 401 PHE B CB  1 
ATOM   84  C CG  . PHE B 1 6 ? 6.844   -1.143 0.795   1.00 3.28  ? 401 PHE B CG  1 
ATOM   85  C CD1 . PHE B 1 6 ? 5.919   -0.937 1.816   1.00 2.31  ? 401 PHE B CD1 1 
ATOM   86  C CD2 . PHE B 1 6 ? 7.850   -0.208 0.612   1.00 2.94  ? 401 PHE B CD2 1 
ATOM   87  C CE1 . PHE B 1 6 ? 6.002   0.185  2.639   1.00 3.35  ? 401 PHE B CE1 1 
ATOM   88  C CE2 . PHE B 1 6 ? 7.936   0.918  1.433   1.00 3.92  ? 401 PHE B CE2 1 
ATOM   89  C CZ  . PHE B 1 6 ? 7.013   1.110  2.443   1.00 3.43  ? 401 PHE B CZ  1 
ATOM   90  N N   . GLY B 1 7 ? 6.111   -3.443 -3.309  1.00 2.15  ? 402 GLY B N   1 
ATOM   91  C CA  . GLY B 1 7 ? 6.169   -4.634 -4.140  1.00 3.70  ? 402 GLY B CA  1 
ATOM   92  C C   . GLY B 1 7 ? 7.070   -5.724 -3.581  1.00 7.12  ? 402 GLY B C   1 
ATOM   93  O O   . GLY B 1 7 ? 8.022   -5.428 -2.846  1.00 7.89  ? 402 GLY B O   1 
ATOM   94  O OXT . GLY B 1 7 ? 6.874   -6.922 -3.854  1.00 6.97  ? 402 GLY B OXT 1 
HETATM 95  O O   . HOH C 2 . ? -1.377  -6.720 -11.236 1.00 5.44  ? 501 HOH A O   1 
HETATM 96  O O   . HOH C 2 . ? -12.090 6.243  4.402   1.00 11.35 ? 502 HOH A O   1 
HETATM 97  O O   . HOH C 2 . ? 7.574   -7.997 -8.155  1.00 9.90  ? 503 HOH A O   1 
HETATM 98  O O   . HOH D 2 . ? 8.090   -9.284 -3.893  1.00 8.11  ? 501 HOH B O   1 
HETATM 99  O O   . HOH D 2 . ? 10.452  -6.670 -2.846  1.00 6.37  ? 502 HOH B O   1 
HETATM 100 O O   . HOH D 2 . ? 9.120   -2.910 -2.986  1.00 8.07  ? 503 HOH B O   1 
HETATM 101 O O   . HOH D 2 . ? 1.216   11.177 10.506  1.00 4.69  ? 504 HOH B O   1 
HETATM 102 O O   . HOH D 2 . ? 10.394  -9.443 -2.411  1.00 7.26  ? 505 HOH B O   1 
# 
loop_
_atom_site_anisotrop.id 
_atom_site_anisotrop.type_symbol 
_atom_site_anisotrop.pdbx_label_atom_id 
_atom_site_anisotrop.pdbx_label_alt_id 
_atom_site_anisotrop.pdbx_label_comp_id 
_atom_site_anisotrop.pdbx_label_asym_id 
_atom_site_anisotrop.pdbx_label_seq_id 
_atom_site_anisotrop.pdbx_PDB_ins_code 
_atom_site_anisotrop.U[1][1] 
_atom_site_anisotrop.U[2][2] 
_atom_site_anisotrop.U[3][3] 
_atom_site_anisotrop.U[1][2] 
_atom_site_anisotrop.U[1][3] 
_atom_site_anisotrop.U[2][3] 
_atom_site_anisotrop.pdbx_auth_seq_id 
_atom_site_anisotrop.pdbx_auth_comp_id 
_atom_site_anisotrop.pdbx_auth_asym_id 
_atom_site_anisotrop.pdbx_auth_atom_id 
1   N N   . GLY A 1 ? 0.0466 0.0482 0.0562 0.0108  -0.0016 -0.0083 396 GLY A N   
2   C CA  . GLY A 1 ? 0.0448 0.0469 0.0511 0.0080  -0.0003 -0.0062 396 GLY A CA  
3   C C   . GLY A 1 ? 0.0351 0.0353 0.0396 0.0070  -0.0025 -0.0036 396 GLY A C   
4   O O   . GLY A 1 ? 0.0611 0.0579 0.0646 0.0076  -0.0046 -0.0032 396 GLY A O   
5   N N   . PHE A 2 ? 0.0475 0.0491 0.0512 0.0053  -0.0018 -0.0020 397 PHE A N   
6   C CA  . PHE A 2 ? 0.0544 0.0554 0.0572 0.0044  -0.0031 -0.0002 397 PHE A CA  
7   C C   . PHE A 2 ? 0.0597 0.0606 0.0600 0.0030  -0.0031 0.0007  397 PHE A C   
8   O O   . PHE A 2 ? 0.0486 0.0501 0.0477 0.0025  -0.0021 0.0008  397 PHE A O   
9   C CB  . PHE A 2 ? 0.0304 0.0334 0.0357 0.0044  -0.0031 0.0005  397 PHE A CB  
10  C CG  . PHE A 2 ? 0.0219 0.0243 0.0263 0.0038  -0.0040 0.0018  397 PHE A CG  
11  C CD1 . PHE A 2 ? 0.0270 0.0279 0.0310 0.0041  -0.0051 0.0020  397 PHE A CD1 
12  C CD2 . PHE A 2 ? 0.0341 0.0375 0.0378 0.0030  -0.0036 0.0027  397 PHE A CD2 
13  C CE1 . PHE A 2 ? 0.0432 0.0440 0.0460 0.0035  -0.0050 0.0028  397 PHE A CE1 
14  C CE2 . PHE A 2 ? 0.0152 0.0190 0.0191 0.0027  -0.0040 0.0032  397 PHE A CE2 
15  C CZ  . PHE A 2 ? 0.0244 0.0270 0.0279 0.0029  -0.0042 0.0032  397 PHE A CZ  
16  N N   . ASN A 3 ? 0.0189 0.0187 0.0183 0.0021  -0.0041 0.0012  398 ASN A N   
17  C CA  . ASN A 3 ? 0.0190 0.0199 0.0178 0.0011  -0.0048 0.0016  398 ASN A CA  
18  C C   . ASN A 3 ? 0.0269 0.0294 0.0278 0.0004  -0.0051 0.0022  398 ASN A C   
19  O O   . ASN A 3 ? 0.0181 0.0193 0.0188 -0.0003 -0.0050 0.0023  398 ASN A O   
20  C CB  . ASN A 3 ? 0.0225 0.0215 0.0188 0.0002  -0.0057 0.0008  398 ASN A CB  
21  C CG  . ASN A 3 ? 0.0674 0.0646 0.0609 0.0008  -0.0050 -0.0004 398 ASN A CG  
22  O OD1 . ASN A 3 ? 0.0617 0.0589 0.0528 0.0008  -0.0046 -0.0003 398 ASN A OD1 
23  N ND2 . ASN A 3 ? 0.0431 0.0379 0.0362 0.0016  -0.0045 -0.0016 398 ASN A ND2 
24  N N   . GLY A 4 ? 0.0156 0.0205 0.0183 0.0008  -0.0055 0.0027  399 GLY A N   
25  C CA  . GLY A 4 ? 0.0144 0.0215 0.0197 0.0004  -0.0053 0.0026  399 GLY A CA  
26  C C   . GLY A 4 ? 0.0173 0.0255 0.0240 0.0018  -0.0051 0.0029  399 GLY A C   
27  O O   . GLY A 4 ? 0.0253 0.0326 0.0311 0.0028  -0.0058 0.0034  399 GLY A O   
28  N N   . GLY A 5 ? 0.0264 0.0356 0.0342 0.0018  -0.0040 0.0025  400 GLY A N   
29  C CA  . GLY A 5 ? 0.0311 0.0405 0.0398 0.0032  -0.0040 0.0025  400 GLY A CA  
30  C C   . GLY A 5 ? 0.0266 0.0378 0.0366 0.0031  -0.0026 0.0015  400 GLY A C   
31  O O   . GLY A 5 ? 0.0258 0.0367 0.0345 0.0015  -0.0012 0.0014  400 GLY A O   
32  N N   . PHE A 6 ? 0.0154 0.0275 0.0275 0.0048  -0.0029 0.0007  401 PHE A N   
33  C CA  . PHE A 6 ? 0.0139 0.0267 0.0261 0.0053  -0.0013 -0.0006 401 PHE A CA  
34  C C   . PHE A 6 ? 0.0333 0.0500 0.0507 0.0071  -0.0015 -0.0024 401 PHE A C   
35  O O   . PHE A 6 ? 0.0313 0.0468 0.0497 0.0092  -0.0039 -0.0022 401 PHE A O   
36  C CB  . PHE A 6 ? 0.0242 0.0331 0.0336 0.0061  -0.0019 -0.0003 401 PHE A CB  
37  C CG  . PHE A 6 ? 0.0147 0.0207 0.0209 0.0050  -0.0024 0.0010  401 PHE A CG  
38  C CD1 . PHE A 6 ? 0.0132 0.0185 0.0197 0.0048  -0.0036 0.0021  401 PHE A CD1 
39  C CD2 . PHE A 6 ? 0.0434 0.0473 0.0459 0.0042  -0.0020 0.0009  401 PHE A CD2 
40  C CE1 . PHE A 6 ? 0.0271 0.0309 0.0321 0.0041  -0.0040 0.0026  401 PHE A CE1 
41  C CE2 . PHE A 6 ? 0.0517 0.0534 0.0525 0.0038  -0.0032 0.0017  401 PHE A CE2 
42  C CZ  . PHE A 6 ? 0.0485 0.0507 0.0513 0.0040  -0.0041 0.0023  401 PHE A CZ  
43  N N   . GLY A 7 ? 0.0370 0.0579 0.0572 0.0065  0.0009  -0.0042 402 GLY A N   
44  C CA  . GLY A 7 ? 0.0534 0.0794 0.0801 0.0087  0.0009  -0.0067 402 GLY A CA  
45  C C   . GLY A 7 ? 0.0742 0.0984 0.1001 0.0110  0.0016  -0.0083 402 GLY A C   
46  O O   . GLY A 7 ? 0.0806 0.1007 0.1011 0.0103  0.0028  -0.0079 402 GLY A O   
47  O OXT . GLY A 7 ? 0.0752 0.0998 0.1037 0.0130  0.0007  -0.0093 402 GLY A OXT 
48  N N   . GLY B 1 ? 0.0500 0.0317 0.0345 0.0097  -0.0063 -0.0115 396 GLY B N   
49  C CA  . GLY B 1 ? 0.0539 0.0364 0.0364 0.0080  -0.0072 -0.0096 396 GLY B CA  
50  C C   . GLY B 1 ? 0.0428 0.0274 0.0308 0.0071  -0.0090 -0.0073 396 GLY B C   
51  O O   . GLY B 1 ? 0.0517 0.0362 0.0436 0.0071  -0.0099 -0.0071 396 GLY B O   
52  N N   . PHE B 2 ? 0.0383 0.0247 0.0259 0.0063  -0.0093 -0.0058 397 PHE B N   
53  C CA  . PHE B 2 ? 0.0332 0.0221 0.0258 0.0056  -0.0105 -0.0041 397 PHE B CA  
54  C C   . PHE B 2 ? 0.0500 0.0418 0.0437 0.0056  -0.0084 -0.0026 397 PHE B C   
55  O O   . PHE B 2 ? 0.0468 0.0378 0.0366 0.0053  -0.0074 -0.0023 397 PHE B O   
56  C CB  . PHE B 2 ? 0.0462 0.0340 0.0376 0.0052  -0.0136 -0.0041 397 PHE B CB  
57  C CG  . PHE B 2 ? 0.0367 0.0280 0.0340 0.0048  -0.0145 -0.0032 397 PHE B CG  
58  C CD1 . PHE B 2 ? 0.0534 0.0463 0.0511 0.0051  -0.0136 -0.0018 397 PHE B CD1 
59  C CD2 . PHE B 2 ? 0.0346 0.0277 0.0374 0.0039  -0.0159 -0.0039 397 PHE B CD2 
60  C CE1 . PHE B 2 ? 0.0315 0.0277 0.0345 0.0050  -0.0140 -0.0015 397 PHE B CE1 
61  C CE2 . PHE B 2 ? 0.0504 0.0474 0.0590 0.0034  -0.0159 -0.0035 397 PHE B CE2 
62  C CZ  . PHE B 2 ? 0.0470 0.0456 0.0556 0.0042  -0.0149 -0.0025 397 PHE B CZ  
63  N N   . ASN B 3 ? 0.0249 0.0193 0.0233 0.0055  -0.0077 -0.0017 398 ASN B N   
64  C CA  . ASN B 3 ? 0.0215 0.0185 0.0214 0.0053  -0.0064 -0.0004 398 ASN B CA  
65  C C   . ASN B 3 ? 0.0297 0.0281 0.0329 0.0048  -0.0073 0.0005  398 ASN B C   
66  O O   . ASN B 3 ? 0.0281 0.0265 0.0337 0.0043  -0.0074 0.0006  398 ASN B O   
67  C CB  . ASN B 3 ? 0.0255 0.0242 0.0276 0.0061  -0.0050 -0.0004 398 ASN B CB  
68  C CG  . ASN B 3 ? 0.0655 0.0647 0.0663 0.0067  -0.0033 -0.0019 398 ASN B CG  
69  O OD1 . ASN B 3 ? 0.0588 0.0576 0.0561 0.0061  -0.0022 -0.0022 398 ASN B OD1 
70  N ND2 . ASN B 3 ? 0.0592 0.0590 0.0622 0.0082  -0.0031 -0.0029 398 ASN B ND2 
71  N N   . GLY B 4 ? 0.0248 0.0237 0.0276 0.0046  -0.0077 0.0009  399 GLY B N   
72  C CA  . GLY B 4 ? 0.0175 0.0184 0.0240 0.0044  -0.0081 0.0010  399 GLY B CA  
73  C C   . GLY B 4 ? 0.0165 0.0179 0.0227 0.0046  -0.0074 0.0016  399 GLY B C   
74  O O   . GLY B 4 ? 0.0346 0.0341 0.0377 0.0049  -0.0080 0.0019  399 GLY B O   
75  N N   . GLY B 5 ? 0.0130 0.0163 0.0213 0.0042  -0.0062 0.0019  400 GLY B N   
76  C CA  . GLY B 5 ? 0.0170 0.0205 0.0249 0.0044  -0.0057 0.0020  400 GLY B CA  
77  C C   . GLY B 5 ? 0.0173 0.0230 0.0287 0.0046  -0.0054 0.0010  400 GLY B C   
78  O O   . GLY B 5 ? 0.0344 0.0418 0.0477 0.0036  -0.0041 0.0008  400 GLY B O   
79  N N   . PHE B 6 ? 0.0135 0.0187 0.0255 0.0058  -0.0064 0.0001  401 PHE B N   
80  C CA  . PHE B 6 ? 0.0305 0.0389 0.0474 0.0066  -0.0061 -0.0017 401 PHE B CA  
81  C C   . PHE B 6 ? 0.0264 0.0339 0.0424 0.0076  -0.0055 -0.0024 401 PHE B C   
82  O O   . PHE B 6 ? 0.0340 0.0377 0.0468 0.0087  -0.0073 -0.0020 401 PHE B O   
83  C CB  . PHE B 6 ? 0.0307 0.0386 0.0486 0.0074  -0.0082 -0.0026 401 PHE B CB  
84  C CG  . PHE B 6 ? 0.0330 0.0409 0.0509 0.0065  -0.0091 -0.0022 401 PHE B CG  
85  C CD1 . PHE B 6 ? 0.0235 0.0277 0.0364 0.0062  -0.0101 -0.0010 401 PHE B CD1 
86  C CD2 . PHE B 6 ? 0.0257 0.0371 0.0488 0.0056  -0.0088 -0.0034 401 PHE B CD2 
87  C CE1 . PHE B 6 ? 0.0370 0.0407 0.0495 0.0057  -0.0111 -0.0012 401 PHE B CE1 
88  C CE2 . PHE B 6 ? 0.0384 0.0491 0.0615 0.0046  -0.0100 -0.0034 401 PHE B CE2 
89  C CZ  . PHE B 6 ? 0.0353 0.0420 0.0529 0.0050  -0.0114 -0.0023 401 PHE B CZ  
90  N N   . GLY B 7 ? 0.0180 0.0281 0.0357 0.0071  -0.0029 -0.0036 402 GLY B N   
91  C CA  . GLY B 7 ? 0.0382 0.0474 0.0551 0.0082  -0.0022 -0.0049 402 GLY B CA  
92  C C   . GLY B 7 ? 0.0804 0.0894 0.1007 0.0112  -0.0044 -0.0069 402 GLY B C   
93  O O   . GLY B 7 ? 0.0886 0.0992 0.1119 0.0113  -0.0055 -0.0074 402 GLY B O   
94  O OXT . GLY B 7 ? 0.0804 0.0860 0.0985 0.0126  -0.0052 -0.0077 402 GLY B OXT 
95  O O   . HOH C . ? 0.0776 0.0699 0.0594 0.0001  -0.0048 -0.0029 501 HOH A O   
96  O O   . HOH C . ? 0.1214 0.1538 0.1562 0.0137  0.0064  -0.0147 502 HOH A O   
97  O O   . HOH C . ? 0.1171 0.1263 0.1328 0.0122  0.0047  -0.0143 503 HOH A O   
98  O O   . HOH D . ? 0.0960 0.0975 0.1147 0.0163  -0.0076 -0.0108 501 HOH B O   
99  O O   . HOH D . ? 0.0654 0.0799 0.0967 0.0144  -0.0068 -0.0118 502 HOH B O   
100 O O   . HOH D . ? 0.0858 0.1047 0.1163 0.0078  -0.0026 -0.0077 503 HOH B O   
101 O O   . HOH D . ? 0.0744 0.0475 0.0563 0.0082  -0.0127 -0.0133 504 HOH B O   
102 O O   . HOH D . ? 0.0813 0.0866 0.1077 0.0187  -0.0115 -0.0128 505 HOH B O   
# 
loop_
_pdbx_poly_seq_scheme.asym_id 
_pdbx_poly_seq_scheme.entity_id 
_pdbx_poly_seq_scheme.seq_id 
_pdbx_poly_seq_scheme.mon_id 
_pdbx_poly_seq_scheme.ndb_seq_num 
_pdbx_poly_seq_scheme.pdb_seq_num 
_pdbx_poly_seq_scheme.auth_seq_num 
_pdbx_poly_seq_scheme.pdb_mon_id 
_pdbx_poly_seq_scheme.auth_mon_id 
_pdbx_poly_seq_scheme.pdb_strand_id 
_pdbx_poly_seq_scheme.pdb_ins_code 
_pdbx_poly_seq_scheme.hetero 
A 1 1 GLY 1 396 2 GLY GLY A . n 
A 1 2 PHE 2 397 3 PHE PHE A . n 
A 1 3 ASN 3 398 4 ASN ASN A . n 
A 1 4 GLY 4 399 5 GLY GLY A . n 
A 1 5 GLY 5 400 6 GLY GLY A . n 
A 1 6 PHE 6 401 7 PHE PHE A . n 
A 1 7 GLY 7 402 8 GLY GLY A . n 
B 1 1 GLY 1 396 1 GLY GLY B . n 
B 1 2 PHE 2 397 2 PHE PHE B . n 
B 1 3 ASN 3 398 3 ASN ASN B . n 
B 1 4 GLY 4 399 4 GLY GLY B . n 
B 1 5 GLY 5 400 5 GLY GLY B . n 
B 1 6 PHE 6 401 6 PHE PHE B . n 
B 1 7 GLY 7 402 7 GLY GLY B . n 
# 
loop_
_pdbx_nonpoly_scheme.asym_id 
_pdbx_nonpoly_scheme.entity_id 
_pdbx_nonpoly_scheme.mon_id 
_pdbx_nonpoly_scheme.ndb_seq_num 
_pdbx_nonpoly_scheme.pdb_seq_num 
_pdbx_nonpoly_scheme.auth_seq_num 
_pdbx_nonpoly_scheme.pdb_mon_id 
_pdbx_nonpoly_scheme.auth_mon_id 
_pdbx_nonpoly_scheme.pdb_strand_id 
_pdbx_nonpoly_scheme.pdb_ins_code 
C 2 HOH 1 501 4 HOH HOH A . 
C 2 HOH 2 502 7 HOH HOH A . 
C 2 HOH 3 503 2 HOH HOH A . 
D 2 HOH 1 501 5 HOH HOH B . 
D 2 HOH 2 502 3 HOH HOH B . 
D 2 HOH 3 503 6 HOH HOH B . 
D 2 HOH 4 504 1 HOH HOH B . 
D 2 HOH 5 505 8 HOH HOH B . 
# 
_pdbx_struct_assembly.id                   1 
_pdbx_struct_assembly.details              author_defined_assembly 
_pdbx_struct_assembly.method_details       ? 
_pdbx_struct_assembly.oligomeric_details   decameric 
_pdbx_struct_assembly.oligomeric_count     10 
# 
_pdbx_struct_assembly_gen.assembly_id       1 
_pdbx_struct_assembly_gen.oper_expression   1,2,3,4,5 
_pdbx_struct_assembly_gen.asym_id_list      A,B,C,D 
# 
loop_
_pdbx_struct_oper_list.id 
_pdbx_struct_oper_list.type 
_pdbx_struct_oper_list.name 
_pdbx_struct_oper_list.symmetry_operation 
_pdbx_struct_oper_list.matrix[1][1] 
_pdbx_struct_oper_list.matrix[1][2] 
_pdbx_struct_oper_list.matrix[1][3] 
_pdbx_struct_oper_list.vector[1] 
_pdbx_struct_oper_list.matrix[2][1] 
_pdbx_struct_oper_list.matrix[2][2] 
_pdbx_struct_oper_list.matrix[2][3] 
_pdbx_struct_oper_list.vector[2] 
_pdbx_struct_oper_list.matrix[3][1] 
_pdbx_struct_oper_list.matrix[3][2] 
_pdbx_struct_oper_list.matrix[3][3] 
_pdbx_struct_oper_list.vector[3] 
1 'identity operation'         1_555 x,y,z   1.0000000000 0.0000000000 0.0000000000 0.0000000000  0.0000000000 1.0000000000 0.0000000000 0.0000000000  0.0000000000 0.0000000000 1.0000000000 0.0000000000  
2 'crystal symmetry operation' 1_355 x-2,y,z 1.0000000000 0.0000000000 0.0000000000 2.0230804006  0.0000000000 1.0000000000 0.0000000000 7.2502312232  0.0000000000 0.0000000000 1.0000000000 -5.9904668351 
3 'crystal symmetry operation' 1_455 x-1,y,z 1.0000000000 0.0000000000 0.0000000000 1.0115402003  0.0000000000 1.0000000000 0.0000000000 3.6251156116  0.0000000000 0.0000000000 1.0000000000 -2.9952334176 
4 'crystal symmetry operation' 1_655 x+1,y,z 1.0000000000 0.0000000000 0.0000000000 -1.0115402003 0.0000000000 1.0000000000 0.0000000000 -3.6251156116 0.0000000000 0.0000000000 1.0000000000 2.9952334176  
5 'crystal symmetry operation' 1_755 x+2,y,z 1.0000000000 0.0000000000 0.0000000000 -2.0230804006 0.0000000000 1.0000000000 0.0000000000 -7.2502312232 0.0000000000 0.0000000000 1.0000000000 5.9904668351 
# 
loop_
_pdbx_audit_revision_history.ordinal 
_pdbx_audit_revision_history.data_content_type 
_pdbx_audit_revision_history.major_revision 
_pdbx_audit_revision_history.minor_revision 
_pdbx_audit_revision_history.revision_date 
1 'Structure model' 1 0 2018-04-18 
2 'Structure model' 1 1 2018-05-30 
3 'Structure model' 1 2 2018-06-06 
4 'Structure model' 1 3 2018-06-20 
5 'Structure model' 1 4 2019-02-20 
6 'Structure model' 1 5 2019-12-18 
7 'Structure model' 1 6 2023-10-04 
# 
_pdbx_audit_revision_details.ordinal             1 
_pdbx_audit_revision_details.revision_ordinal    1 
_pdbx_audit_revision_details.data_content_type   'Structure model' 
_pdbx_audit_revision_details.provider            repository 
_pdbx_audit_revision_details.type                'Initial release' 
_pdbx_audit_revision_details.description         ? 
_pdbx_audit_revision_details.details             ? 
# 
loop_
_pdbx_audit_revision_group.ordinal 
_pdbx_audit_revision_group.revision_ordinal 
_pdbx_audit_revision_group.data_content_type 
_pdbx_audit_revision_group.group 
1  2 'Structure model' 'Data collection'            
2  2 'Structure model' 'Database references'        
3  3 'Structure model' 'Data collection'            
4  3 'Structure model' 'Database references'        
5  4 'Structure model' 'Data collection'            
6  4 'Structure model' 'Database references'        
7  5 'Structure model' 'Author supporting evidence' 
8  5 'Structure model' 'Data collection'            
9  6 'Structure model' 'Author supporting evidence' 
10 7 'Structure model' 'Data collection'            
11 7 'Structure model' 'Database references'        
12 7 'Structure model' 'Refinement description'     
# 
loop_
_pdbx_audit_revision_category.ordinal 
_pdbx_audit_revision_category.revision_ordinal 
_pdbx_audit_revision_category.data_content_type 
_pdbx_audit_revision_category.category 
1  2 'Structure model' citation                      
2  2 'Structure model' citation_author               
3  3 'Structure model' citation                      
4  3 'Structure model' citation_author               
5  4 'Structure model' citation                      
6  5 'Structure model' pdbx_audit_support            
7  6 'Structure model' pdbx_audit_support            
8  7 'Structure model' chem_comp_atom                
9  7 'Structure model' chem_comp_bond                
10 7 'Structure model' database_2                    
11 7 'Structure model' pdbx_initial_refinement_model 
# 
loop_
_pdbx_audit_revision_item.ordinal 
_pdbx_audit_revision_item.revision_ordinal 
_pdbx_audit_revision_item.data_content_type 
_pdbx_audit_revision_item.item 
1  2 'Structure model' '_citation.country'                        
2  2 'Structure model' '_citation.journal_abbrev'                 
3  2 'Structure model' '_citation.journal_id_CSD'                 
4  2 'Structure model' '_citation.journal_id_ISSN'                
5  2 'Structure model' '_citation.pdbx_database_id_DOI'           
6  2 'Structure model' '_citation.title'                          
7  2 'Structure model' '_citation.year'                           
8  3 'Structure model' '_citation.journal_abbrev'                 
9  3 'Structure model' '_citation.pdbx_database_id_PubMed'        
10 3 'Structure model' '_citation.title'                          
11 3 'Structure model' '_citation_author.name'                    
12 4 'Structure model' '_citation.journal_volume'                 
13 4 'Structure model' '_citation.page_first'                     
14 4 'Structure model' '_citation.page_last'                      
15 5 'Structure model' '_pdbx_audit_support.funding_organization' 
16 6 'Structure model' '_pdbx_audit_support.funding_organization' 
17 7 'Structure model' '_database_2.pdbx_DOI'                     
18 7 'Structure model' '_database_2.pdbx_database_accession'      
# 
_pdbx_refine_tls.pdbx_refine_id   'X-RAY DIFFRACTION' 
_pdbx_refine_tls.id               1 
_pdbx_refine_tls.details          ? 
_pdbx_refine_tls.method           refined 
_pdbx_refine_tls.origin_x         0.8109 
_pdbx_refine_tls.origin_y         -0.1766 
_pdbx_refine_tls.origin_z         0.1395 
_pdbx_refine_tls.T[1][1]          0.0128 
_pdbx_refine_tls.T[2][2]          0.0156 
_pdbx_refine_tls.T[3][3]          0.0179 
_pdbx_refine_tls.T[1][2]          0.0039 
_pdbx_refine_tls.T[1][3]          -0.0050 
_pdbx_refine_tls.T[2][3]          0.0028 
_pdbx_refine_tls.L[1][1]          0.4072 
_pdbx_refine_tls.L[2][2]          0.9305 
_pdbx_refine_tls.L[3][3]          0.7399 
_pdbx_refine_tls.L[1][2]          0.0939 
_pdbx_refine_tls.L[1][3]          0.1624 
_pdbx_refine_tls.L[2][3]          0.2930 
_pdbx_refine_tls.S[1][1]          0.0039 
_pdbx_refine_tls.S[2][2]          0.0145 
_pdbx_refine_tls.S[3][3]          -0.0045 
_pdbx_refine_tls.S[1][2]          -0.0057 
_pdbx_refine_tls.S[1][3]          0.0044 
_pdbx_refine_tls.S[2][3]          -0.0243 
_pdbx_refine_tls.S[2][1]          0.0241 
_pdbx_refine_tls.S[3][1]          0.0110 
_pdbx_refine_tls.S[3][2]          0.0036 
# 
loop_
_pdbx_refine_tls_group.pdbx_refine_id 
_pdbx_refine_tls_group.id 
_pdbx_refine_tls_group.refine_tls_id 
_pdbx_refine_tls_group.beg_auth_asym_id 
_pdbx_refine_tls_group.beg_auth_seq_id 
_pdbx_refine_tls_group.end_auth_asym_id 
_pdbx_refine_tls_group.end_auth_seq_id 
_pdbx_refine_tls_group.selection_details 
_pdbx_refine_tls_group.beg_label_asym_id 
_pdbx_refine_tls_group.beg_label_seq_id 
_pdbx_refine_tls_group.end_label_asym_id 
_pdbx_refine_tls_group.end_label_seq_id 
_pdbx_refine_tls_group.selection 
'X-RAY DIFFRACTION' 1 1 A 2 A 8 all ? ? ? ? ? 
'X-RAY DIFFRACTION' 2 1 B 1 B 7 all ? ? ? ? ? 
'X-RAY DIFFRACTION' 3 1 C 1 C 8 all ? ? ? ? ? 
# 
loop_
_software.citation_id 
_software.classification 
_software.compiler_name 
_software.compiler_version 
_software.contact_author 
_software.contact_author_email 
_software.date 
_software.description 
_software.dependencies 
_software.hardware 
_software.language 
_software.location 
_software.mods 
_software.name 
_software.os 
_software.os_version 
_software.type 
_software.version 
_software.pdbx_ordinal 
? refinement        ? ? ? ? ? ? ? ? ? ? ? PHENIX      ? ? ? 1.11.1_2575 1 
? 'data reduction'  ? ? ? ? ? ? ? ? ? ? ? DENZO       ? ? ? .           2 
? 'data extraction' ? ? ? ? ? ? ? ? ? ? ? PDB_EXTRACT ? ? ? 3.22        3 
? 'data scaling'    ? ? ? ? ? ? ? ? ? ? ? SCALEPACK   ? ? ? .           4 
? phasing           ? ? ? ? ? ? ? ? ? ? ? PHASER      ? ? ? .           5 
# 
loop_
_chem_comp_atom.comp_id 
_chem_comp_atom.atom_id 
_chem_comp_atom.type_symbol 
_chem_comp_atom.pdbx_aromatic_flag 
_chem_comp_atom.pdbx_stereo_config 
_chem_comp_atom.pdbx_ordinal 
ASN N    N N N 1  
ASN CA   C N S 2  
ASN C    C N N 3  
ASN O    O N N 4  
ASN CB   C N N 5  
ASN CG   C N N 6  
ASN OD1  O N N 7  
ASN ND2  N N N 8  
ASN OXT  O N N 9  
ASN H    H N N 10 
ASN H2   H N N 11 
ASN HA   H N N 12 
ASN HB2  H N N 13 
ASN HB3  H N N 14 
ASN HD21 H N N 15 
ASN HD22 H N N 16 
ASN HXT  H N N 17 
GLY N    N N N 18 
GLY CA   C N N 19 
GLY C    C N N 20 
GLY O    O N N 21 
GLY OXT  O N N 22 
GLY H    H N N 23 
GLY H2   H N N 24 
GLY HA2  H N N 25 
GLY HA3  H N N 26 
GLY HXT  H N N 27 
HOH O    O N N 28 
HOH H1   H N N 29 
HOH H2   H N N 30 
PHE N    N N N 31 
PHE CA   C N S 32 
PHE C    C N N 33 
PHE O    O N N 34 
PHE CB   C N N 35 
PHE CG   C Y N 36 
PHE CD1  C Y N 37 
PHE CD2  C Y N 38 
PHE CE1  C Y N 39 
PHE CE2  C Y N 40 
PHE CZ   C Y N 41 
PHE OXT  O N N 42 
PHE H    H N N 43 
PHE H2   H N N 44 
PHE HA   H N N 45 
PHE HB2  H N N 46 
PHE HB3  H N N 47 
PHE HD1  H N N 48 
PHE HD2  H N N 49 
PHE HE1  H N N 50 
PHE HE2  H N N 51 
PHE HZ   H N N 52 
PHE HXT  H N N 53 
# 
loop_
_chem_comp_bond.comp_id 
_chem_comp_bond.atom_id_1 
_chem_comp_bond.atom_id_2 
_chem_comp_bond.value_order 
_chem_comp_bond.pdbx_aromatic_flag 
_chem_comp_bond.pdbx_stereo_config 
_chem_comp_bond.pdbx_ordinal 
ASN N   CA   sing N N 1  
ASN N   H    sing N N 2  
ASN N   H2   sing N N 3  
ASN CA  C    sing N N 4  
ASN CA  CB   sing N N 5  
ASN CA  HA   sing N N 6  
ASN C   O    doub N N 7  
ASN C   OXT  sing N N 8  
ASN CB  CG   sing N N 9  
ASN CB  HB2  sing N N 10 
ASN CB  HB3  sing N N 11 
ASN CG  OD1  doub N N 12 
ASN CG  ND2  sing N N 13 
ASN ND2 HD21 sing N N 14 
ASN ND2 HD22 sing N N 15 
ASN OXT HXT  sing N N 16 
GLY N   CA   sing N N 17 
GLY N   H    sing N N 18 
GLY N   H2   sing N N 19 
GLY CA  C    sing N N 20 
GLY CA  HA2  sing N N 21 
GLY CA  HA3  sing N N 22 
GLY C   O    doub N N 23 
GLY C   OXT  sing N N 24 
GLY OXT HXT  sing N N 25 
HOH O   H1   sing N N 26 
HOH O   H2   sing N N 27 
PHE N   CA   sing N N 28 
PHE N   H    sing N N 29 
PHE N   H2   sing N N 30 
PHE CA  C    sing N N 31 
PHE CA  CB   sing N N 32 
PHE CA  HA   sing N N 33 
PHE C   O    doub N N 34 
PHE C   OXT  sing N N 35 
PHE CB  CG   sing N N 36 
PHE CB  HB2  sing N N 37 
PHE CB  HB3  sing N N 38 
PHE CG  CD1  doub Y N 39 
PHE CG  CD2  sing Y N 40 
PHE CD1 CE1  sing Y N 41 
PHE CD1 HD1  sing N N 42 
PHE CD2 CE2  doub Y N 43 
PHE CD2 HD2  sing N N 44 
PHE CE1 CZ   doub Y N 45 
PHE CE1 HE1  sing N N 46 
PHE CE2 CZ   sing Y N 47 
PHE CE2 HE2  sing N N 48 
PHE CZ  HZ   sing N N 49 
PHE OXT HXT  sing N N 50 
# 
_pdbx_audit_support.funding_organization   'National Institutes of Health/National Institute on Aging (NIH/NIA)' 
_pdbx_audit_support.country                'United States' 
_pdbx_audit_support.grant_number           'NIH NIA AG029430' 
_pdbx_audit_support.ordinal                1 
# 
_pdbx_entity_nonpoly.entity_id   2 
_pdbx_entity_nonpoly.name        water 
_pdbx_entity_nonpoly.comp_id     HOH 
# 
_pdbx_initial_refinement_model.id               1 
_pdbx_initial_refinement_model.entity_id_list   ? 
_pdbx_initial_refinement_model.type             'experimental model' 
_pdbx_initial_refinement_model.source_name      PDB 
_pdbx_initial_refinement_model.accession_code   5WDB 
_pdbx_initial_refinement_model.details          ? 
# 
_pdbx_struct_assembly_auth_evidence.id                     1 
_pdbx_struct_assembly_auth_evidence.assembly_id            1 
_pdbx_struct_assembly_auth_evidence.experimental_support   none 
_pdbx_struct_assembly_auth_evidence.details                ? 
# 
